data_4WKZ
#
_entry.id   4WKZ
#
_cell.length_a   74.029
_cell.length_b   211.781
_cell.length_c   36.666
_cell.angle_alpha   90.00
_cell.angle_beta   90.00
_cell.angle_gamma   90.00
#
_symmetry.space_group_name_H-M   'P 21 21 2'
#
loop_
_entity.id
_entity.type
_entity.pdbx_description
1 polymer 'Putative cellulose-binding protein'
2 polymer 'Autonomous cohesin'
3 non-polymer 'CALCIUM ION'
4 non-polymer 'ACETATE ION'
5 non-polymer 'NITRATE ION'
6 water water
#
loop_
_entity_poly.entity_id
_entity_poly.type
_entity_poly.pdbx_seq_one_letter_code
_entity_poly.pdbx_strand_id
1 'polypeptide(L)'
;MGSSNTVTSAVKTQYVEIESVMGFYFNTEDKFDTAQIKKAVLHTVYNEGYTGDDGVAVVLREYESEPVDITAELTFGDAT
PANTYKAVENKFDYEIPVYYNNATLKDAEGNDATVTVYIGLKGDTDLNNIVDGRDATATLTYYAATSTDGKDATTVALSP
STLVGGNPESVYDDFSAFLSDVKVDAGKELTRFAKKAERLIDGRDASSILTFYTKSSVDQYKDMAANEPNKLWDIVTADA
EEE
;
A
2 'polypeptide(L)'
;SSVTADLNNAVINVDEMNEAFKDVPDLEGEGAHITLSNTTAKPGEMAEVTMSVSNADMQWNMCGIHIIYPDILKPEMKDP
EERTVAFQKGDALEAATGIVCMEWQEGLPPVLTENKKGCLFLTAMFSGNQGGEGDMATFRFKVPDNAEPGAVYNLGYYYM
NTDLFINEQNIPTYQKYAFTHMEGGTITVEL
;
B
#
# COMPACT_ATOMS: atom_id res chain seq x y z
N VAL A 7 66.50 -6.58 -12.28
CA VAL A 7 66.06 -7.35 -11.09
C VAL A 7 64.61 -7.02 -10.67
N THR A 8 63.89 -8.08 -10.32
CA THR A 8 62.43 -8.13 -10.18
C THR A 8 61.89 -7.21 -9.06
N SER A 9 60.67 -6.63 -9.16
CA SER A 9 59.72 -6.70 -10.29
C SER A 9 58.66 -5.57 -10.30
N ALA A 10 57.98 -5.38 -11.43
CA ALA A 10 56.97 -4.32 -11.63
C ALA A 10 55.54 -4.80 -12.03
N VAL A 11 54.50 -4.21 -11.42
CA VAL A 11 53.11 -4.67 -11.57
C VAL A 11 52.01 -3.58 -11.51
N LYS A 12 50.98 -3.68 -12.36
CA LYS A 12 49.80 -2.83 -12.20
C LYS A 12 48.54 -3.64 -12.36
N THR A 13 47.51 -3.27 -11.61
CA THR A 13 46.14 -3.66 -11.91
C THR A 13 45.27 -2.44 -11.57
N GLN A 14 43.96 -2.58 -11.61
CA GLN A 14 43.08 -1.45 -11.33
C GLN A 14 41.73 -1.88 -10.78
N TYR A 15 41.14 -1.02 -9.94
CA TYR A 15 39.89 -1.31 -9.28
C TYR A 15 38.99 -0.11 -9.41
N VAL A 16 37.74 -0.28 -9.00
CA VAL A 16 36.72 0.77 -9.14
C VAL A 16 36.06 1.09 -7.80
N GLU A 17 35.92 2.38 -7.52
CA GLU A 17 35.05 2.85 -6.45
C GLU A 17 33.72 3.18 -7.11
N ILE A 18 32.66 2.50 -6.68
CA ILE A 18 31.38 2.66 -7.30
C ILE A 18 30.34 3.16 -6.28
N GLU A 19 29.55 4.11 -6.74
CA GLU A 19 28.58 4.81 -5.91
C GLU A 19 27.26 4.62 -6.63
N SER A 20 26.32 3.93 -5.97
CA SER A 20 25.07 3.54 -6.61
C SER A 20 23.93 3.47 -5.62
N VAL A 21 22.72 3.44 -6.14
CA VAL A 21 21.52 3.29 -5.34
C VAL A 21 20.79 2.01 -5.75
N MET A 22 19.96 1.50 -4.87
N MET A 22 19.92 1.55 -4.86
CA MET A 22 19.22 0.30 -5.15
CA MET A 22 19.09 0.39 -5.08
C MET A 22 18.08 0.61 -6.13
C MET A 22 18.12 0.64 -6.23
N GLY A 23 17.54 -0.44 -6.73
CA GLY A 23 16.57 -0.34 -7.79
C GLY A 23 15.62 -1.50 -7.69
N PHE A 24 14.32 -1.21 -7.88
CA PHE A 24 13.25 -2.18 -7.82
C PHE A 24 12.76 -2.53 -9.25
N TYR A 25 12.47 -3.79 -9.49
CA TYR A 25 12.08 -4.26 -10.82
C TYR A 25 11.02 -5.37 -10.69
N PHE A 26 10.11 -5.47 -11.67
CA PHE A 26 9.23 -6.66 -11.81
C PHE A 26 9.97 -7.72 -12.58
N ASN A 27 9.61 -8.98 -12.32
CA ASN A 27 10.23 -10.12 -12.99
C ASN A 27 9.99 -10.15 -14.50
N THR A 28 9.01 -9.38 -14.96
CA THR A 28 8.69 -9.27 -16.39
C THR A 28 9.59 -8.26 -17.16
N GLU A 29 10.42 -7.49 -16.49
CA GLU A 29 11.13 -6.36 -17.15
C GLU A 29 12.38 -6.77 -17.89
N ASP A 30 12.63 -6.11 -19.01
CA ASP A 30 13.68 -6.55 -19.92
C ASP A 30 14.99 -5.78 -19.83
N LYS A 31 15.05 -4.72 -19.03
N LYS A 31 15.03 -4.73 -19.01
CA LYS A 31 16.35 -4.12 -18.76
CA LYS A 31 16.28 -4.00 -18.80
C LYS A 31 16.44 -3.41 -17.42
C LYS A 31 16.43 -3.41 -17.40
N PHE A 32 17.65 -3.46 -16.86
CA PHE A 32 17.97 -2.74 -15.63
C PHE A 32 18.32 -1.28 -15.96
N ASP A 33 18.13 -0.39 -15.00
CA ASP A 33 18.33 1.02 -15.25
C ASP A 33 19.72 1.48 -14.80
N THR A 34 20.53 1.93 -15.73
CA THR A 34 21.87 2.40 -15.39
C THR A 34 21.87 3.69 -14.58
N ALA A 35 20.71 4.32 -14.44
CA ALA A 35 20.57 5.47 -13.55
C ALA A 35 20.88 5.11 -12.10
N GLN A 36 20.95 3.82 -11.79
CA GLN A 36 21.34 3.36 -10.47
C GLN A 36 22.77 3.70 -10.12
N ILE A 37 23.59 3.84 -11.15
CA ILE A 37 24.98 4.20 -11.02
C ILE A 37 25.09 5.72 -10.96
N LYS A 38 25.41 6.22 -9.77
CA LYS A 38 25.58 7.65 -9.55
C LYS A 38 26.97 8.08 -9.95
N LYS A 39 27.96 7.29 -9.59
CA LYS A 39 29.31 7.63 -9.96
C LYS A 39 30.22 6.41 -9.90
N ALA A 40 31.10 6.30 -10.88
CA ALA A 40 32.12 5.27 -10.88
C ALA A 40 33.45 5.86 -11.33
N VAL A 41 34.50 5.48 -10.63
CA VAL A 41 35.87 5.98 -10.90
C VAL A 41 36.89 4.86 -10.88
N LEU A 42 37.61 4.70 -11.99
CA LEU A 42 38.64 3.69 -12.13
C LEU A 42 39.96 4.14 -11.52
N HIS A 43 40.34 3.52 -10.41
CA HIS A 43 41.64 3.74 -9.77
C HIS A 43 42.65 2.75 -10.34
N THR A 44 43.90 3.22 -10.49
CA THR A 44 44.98 2.40 -11.04
C THR A 44 46.21 2.51 -10.15
N VAL A 45 46.64 1.37 -9.59
CA VAL A 45 47.82 1.33 -8.72
C VAL A 45 49.00 0.69 -9.44
N TYR A 46 50.20 1.13 -9.09
CA TYR A 46 51.42 0.54 -9.64
C TYR A 46 52.28 -0.02 -8.52
N ASN A 47 52.15 -1.32 -8.26
CA ASN A 47 52.97 -2.01 -7.26
C ASN A 47 54.31 -2.45 -7.83
N GLU A 48 55.39 -2.18 -7.12
CA GLU A 48 56.72 -2.57 -7.56
C GLU A 48 57.56 -3.08 -6.39
N GLY A 49 58.51 -3.94 -6.70
CA GLY A 49 59.44 -4.43 -5.70
C GLY A 49 60.25 -5.58 -6.24
N TYR A 50 60.05 -6.75 -5.67
CA TYR A 50 60.87 -7.86 -6.08
C TYR A 50 60.18 -9.16 -5.95
N THR A 51 60.56 -10.07 -6.84
CA THR A 51 60.10 -11.44 -6.76
C THR A 51 60.66 -12.01 -5.46
N ASP A 53 59.89 -12.87 -4.81
CA ASP A 53 60.22 -13.33 -3.48
C ASP A 53 60.43 -14.81 -3.65
N ASP A 54 60.45 -15.52 -2.55
CA ASP A 54 60.80 -16.94 -2.58
C ASP A 54 59.80 -17.87 -3.32
N GLY A 55 58.51 -17.65 -3.17
CA GLY A 55 57.54 -18.27 -4.06
C GLY A 55 56.60 -17.25 -4.64
N VAL A 56 56.82 -16.00 -4.26
CA VAL A 56 55.78 -15.01 -4.03
C VAL A 56 56.21 -13.62 -4.37
N ALA A 57 55.43 -12.63 -3.97
CA ALA A 57 55.71 -11.25 -4.31
C ALA A 57 55.73 -10.34 -3.12
N VAL A 58 56.70 -9.41 -3.13
CA VAL A 58 56.77 -8.40 -2.10
C VAL A 58 56.60 -7.05 -2.76
N VAL A 59 55.81 -6.19 -2.10
CA VAL A 59 55.55 -4.83 -2.59
C VAL A 59 56.16 -3.78 -1.68
N LEU A 60 57.14 -3.04 -2.18
CA LEU A 60 57.81 -1.98 -1.42
C LEU A 60 57.26 -0.58 -1.71
N ARG A 61 56.58 -0.44 -2.84
CA ARG A 61 56.05 0.85 -3.29
C ARG A 61 54.74 0.66 -4.03
N GLU A 62 53.95 1.71 -4.12
CA GLU A 62 52.82 1.73 -5.02
C GLU A 62 52.51 3.16 -5.47
N TYR A 63 52.37 3.34 -6.78
CA TYR A 63 52.16 4.65 -7.38
C TYR A 63 50.73 4.76 -7.93
N GLU A 64 49.91 5.62 -7.32
CA GLU A 64 48.54 5.88 -7.78
C GLU A 64 48.58 6.85 -8.97
N SER A 65 48.31 6.31 -10.17
CA SER A 65 48.03 7.12 -11.34
C SER A 65 46.71 7.87 -11.13
N GLU A 66 46.51 8.94 -11.90
CA GLU A 66 45.31 9.76 -11.75
C GLU A 66 44.07 8.94 -12.03
N PRO A 67 43.15 8.81 -11.05
CA PRO A 67 41.90 8.10 -11.30
C PRO A 67 40.97 8.86 -12.24
N VAL A 68 40.04 8.13 -12.87
CA VAL A 68 39.21 8.68 -13.95
C VAL A 68 37.76 8.21 -13.86
N ASP A 69 36.84 9.15 -13.98
CA ASP A 69 35.41 8.88 -13.96
C ASP A 69 35.01 8.04 -15.16
N ILE A 70 34.31 6.94 -14.93
CA ILE A 70 33.77 6.11 -16.03
C ILE A 70 32.29 5.79 -15.84
N THR A 71 31.59 6.60 -15.05
CA THR A 71 30.16 6.40 -14.78
C THR A 71 29.34 6.06 -16.04
N ALA A 72 29.64 6.76 -17.13
CA ALA A 72 28.87 6.65 -18.37
C ALA A 72 29.26 5.45 -19.22
N GLU A 73 30.45 4.90 -19.01
CA GLU A 73 30.90 3.73 -19.78
C GLU A 73 30.40 2.39 -19.19
N LEU A 74 29.76 2.43 -18.04
CA LEU A 74 29.35 1.19 -17.36
C LEU A 74 28.01 0.65 -17.81
N THR A 75 27.97 -0.64 -18.09
CA THR A 75 26.72 -1.33 -18.48
C THR A 75 26.45 -2.54 -17.58
N PHE A 76 25.33 -3.20 -17.82
CA PHE A 76 24.98 -4.41 -17.05
C PHE A 76 25.10 -5.69 -17.87
N GLY A 77 25.80 -5.58 -19.01
CA GLY A 77 25.97 -6.69 -19.94
C GLY A 77 24.63 -7.26 -20.39
N ASP A 78 24.49 -8.58 -20.31
CA ASP A 78 23.30 -9.29 -20.78
C ASP A 78 22.29 -9.57 -19.68
N ALA A 79 22.51 -9.08 -18.46
CA ALA A 79 21.56 -9.35 -17.35
C ALA A 79 20.29 -8.54 -17.51
N THR A 80 19.14 -9.16 -17.28
CA THR A 80 17.88 -8.42 -17.27
C THR A 80 17.12 -8.87 -16.04
N PRO A 81 16.11 -8.10 -15.63
CA PRO A 81 15.32 -8.60 -14.51
C PRO A 81 14.70 -9.95 -14.84
N ALA A 82 14.23 -10.12 -16.08
CA ALA A 82 13.57 -11.36 -16.43
C ALA A 82 14.54 -12.54 -16.41
N ASN A 83 15.79 -12.34 -16.82
CA ASN A 83 16.69 -13.48 -16.79
C ASN A 83 17.48 -13.63 -15.48
N THR A 84 17.24 -12.72 -14.54
CA THR A 84 17.93 -12.77 -13.25
C THR A 84 16.97 -13.30 -12.14
N TYR A 85 15.70 -12.95 -12.23
CA TYR A 85 14.73 -13.40 -11.24
C TYR A 85 14.76 -14.91 -10.97
N LYS A 86 14.79 -15.26 -9.69
CA LYS A 86 14.69 -16.63 -9.24
C LYS A 86 13.79 -16.63 -7.99
N ALA A 87 12.69 -17.37 -8.03
CA ALA A 87 11.78 -17.39 -6.88
C ALA A 87 12.51 -18.07 -5.72
N VAL A 88 12.69 -17.39 -4.61
CA VAL A 88 13.32 -17.99 -3.45
C VAL A 88 12.65 -17.40 -2.22
N GLU A 89 12.34 -18.26 -1.27
CA GLU A 89 11.71 -17.81 -0.04
C GLU A 89 12.59 -16.81 0.75
N ASN A 90 11.97 -15.67 1.03
CA ASN A 90 12.59 -14.56 1.79
C ASN A 90 13.89 -14.02 1.17
N LYS A 91 14.01 -14.11 -0.16
CA LYS A 91 15.19 -13.56 -0.83
C LYS A 91 14.74 -12.90 -2.14
N PHE A 92 14.96 -11.58 -2.19
CA PHE A 92 14.54 -10.76 -3.35
C PHE A 92 15.66 -9.86 -3.87
N ASP A 93 16.86 -9.96 -3.32
CA ASP A 93 17.95 -9.05 -3.72
C ASP A 93 18.93 -9.77 -4.64
N TYR A 94 19.49 -9.03 -5.59
CA TYR A 94 20.53 -9.57 -6.47
C TYR A 94 21.60 -8.54 -6.63
N GLU A 95 22.84 -9.00 -6.68
CA GLU A 95 23.99 -8.14 -6.99
C GLU A 95 24.31 -8.32 -8.42
N ILE A 96 24.11 -7.25 -9.20
CA ILE A 96 24.28 -7.30 -10.65
C ILE A 96 25.64 -6.75 -11.05
N PRO A 97 26.42 -7.55 -11.78
CA PRO A 97 27.73 -7.08 -12.17
C PRO A 97 27.67 -5.95 -13.19
N VAL A 98 28.53 -4.94 -13.00
CA VAL A 98 28.78 -3.95 -14.04
C VAL A 98 29.90 -4.39 -14.96
N TYR A 99 29.86 -3.88 -16.18
CA TYR A 99 30.83 -4.19 -17.22
C TYR A 99 31.40 -2.90 -17.81
N TYR A 100 32.72 -2.86 -17.93
CA TYR A 100 33.45 -1.75 -18.53
C TYR A 100 34.37 -2.35 -19.59
N ASN A 101 34.38 -1.74 -20.78
CA ASN A 101 35.08 -2.34 -21.92
C ASN A 101 34.67 -3.80 -22.14
N ASN A 102 33.41 -4.14 -21.83
CA ASN A 102 32.91 -5.50 -22.05
C ASN A 102 33.39 -6.58 -21.03
N ALA A 103 34.11 -6.16 -19.97
CA ALA A 103 34.54 -7.08 -18.91
C ALA A 103 34.17 -6.53 -17.53
N THR A 104 34.19 -7.40 -16.51
CA THR A 104 33.92 -6.99 -15.13
C THR A 104 35.10 -6.22 -14.53
N LEU A 105 34.86 -5.63 -13.37
CA LEU A 105 35.85 -4.90 -12.63
C LEU A 105 35.87 -5.34 -11.19
N LYS A 106 37.04 -5.41 -10.60
CA LYS A 106 37.12 -5.65 -9.16
C LYS A 106 36.79 -4.34 -8.44
N ASP A 107 36.19 -4.45 -7.27
CA ASP A 107 36.11 -3.33 -6.35
C ASP A 107 37.38 -3.31 -5.51
N ALA A 108 37.43 -2.41 -4.53
CA ALA A 108 38.60 -2.27 -3.68
C ALA A 108 38.78 -3.44 -2.70
N GLU A 109 37.81 -4.34 -2.65
CA GLU A 109 37.92 -5.55 -1.83
C GLU A 109 38.15 -6.82 -2.67
N GLY A 110 38.45 -6.65 -3.96
CA GLY A 110 38.77 -7.78 -4.82
C GLY A 110 37.56 -8.61 -5.20
N ASN A 111 36.37 -8.05 -5.06
CA ASN A 111 35.18 -8.70 -5.57
C ASN A 111 34.67 -7.93 -6.76
N ASP A 112 34.01 -8.62 -7.68
CA ASP A 112 33.43 -7.98 -8.84
C ASP A 112 32.47 -6.85 -8.44
N ALA A 113 32.58 -5.73 -9.16
CA ALA A 113 31.77 -4.55 -8.89
C ALA A 113 30.33 -4.86 -9.25
N THR A 114 29.41 -4.59 -8.36
CA THR A 114 28.02 -4.91 -8.62
C THR A 114 27.12 -3.77 -8.12
N VAL A 115 25.87 -3.83 -8.52
CA VAL A 115 24.83 -2.92 -8.06
C VAL A 115 23.74 -3.80 -7.48
N THR A 116 23.11 -3.36 -6.44
CA THR A 116 21.96 -4.07 -5.86
C THR A 116 20.60 -3.73 -6.51
N VAL A 117 19.91 -4.80 -6.89
CA VAL A 117 18.51 -4.72 -7.32
C VAL A 117 17.62 -5.66 -6.55
N TYR A 118 16.35 -5.35 -6.56
CA TYR A 118 15.35 -6.22 -5.98
C TYR A 118 14.39 -6.52 -7.10
N ILE A 119 13.94 -7.79 -7.20
CA ILE A 119 13.06 -8.20 -8.31
C ILE A 119 11.95 -9.04 -7.77
N GLY A 120 10.72 -8.75 -8.16
CA GLY A 120 9.56 -9.45 -7.62
C GLY A 120 8.38 -9.50 -8.60
N LEU A 121 7.32 -10.15 -8.16
CA LEU A 121 6.06 -10.26 -8.90
C LEU A 121 5.15 -9.09 -8.57
N LYS A 122 4.67 -8.41 -9.60
CA LYS A 122 3.70 -7.35 -9.37
C LYS A 122 2.50 -7.99 -8.65
N GLY A 123 2.04 -7.32 -7.60
CA GLY A 123 0.93 -7.71 -6.76
C GLY A 123 1.27 -8.48 -5.46
N ASP A 124 2.52 -8.92 -5.36
CA ASP A 124 3.04 -9.66 -4.19
C ASP A 124 3.45 -8.84 -2.98
N THR A 125 2.43 -8.21 -2.36
CA THR A 125 2.50 -7.38 -1.17
C THR A 125 3.26 -8.12 -0.09
N ASP A 126 2.96 -9.41 0.11
CA ASP A 126 3.51 -10.08 1.27
C ASP A 126 4.81 -10.86 1.02
N LEU A 127 5.39 -10.67 -0.17
CA LEU A 127 6.71 -11.18 -0.55
C LEU A 127 6.87 -12.67 -0.30
N ASN A 128 5.94 -13.44 -0.82
CA ASN A 128 6.02 -14.90 -0.76
C ASN A 128 6.03 -15.55 -2.10
N ASN A 129 6.21 -14.74 -3.15
CA ASN A 129 6.36 -15.23 -4.50
C ASN A 129 5.08 -15.86 -5.10
N ILE A 130 3.93 -15.56 -4.54
CA ILE A 130 2.63 -15.94 -5.04
C ILE A 130 1.75 -14.71 -4.96
N VAL A 131 1.01 -14.38 -6.01
CA VAL A 131 0.02 -13.30 -5.94
C VAL A 131 -1.37 -13.91 -5.64
N ASP A 132 -1.90 -13.56 -4.48
CA ASP A 132 -3.14 -14.12 -4.13
C ASP A 132 -3.95 -13.21 -3.27
N GLY A 133 -5.09 -13.73 -2.80
CA GLY A 133 -6.03 -12.95 -1.99
C GLY A 133 -5.43 -12.35 -0.72
N ARG A 134 -4.44 -13.01 -0.18
CA ARG A 134 -3.77 -12.48 1.03
C ARG A 134 -2.96 -11.20 0.71
N ASP A 135 -2.49 -11.05 -0.51
CA ASP A 135 -1.82 -9.77 -0.88
C ASP A 135 -2.83 -8.69 -0.94
N ALA A 136 -4.03 -9.02 -1.41
CA ALA A 136 -5.09 -8.03 -1.50
C ALA A 136 -5.53 -7.64 -0.11
N THR A 137 -5.66 -8.60 0.83
CA THR A 137 -6.13 -8.23 2.19
C THR A 137 -5.05 -7.45 3.01
N ALA A 138 -3.76 -7.72 2.75
CA ALA A 138 -2.68 -6.90 3.30
C ALA A 138 -2.78 -5.46 2.84
N THR A 139 -2.98 -5.30 1.54
CA THR A 139 -3.09 -3.99 0.95
C THR A 139 -4.31 -3.28 1.51
N LEU A 140 -5.40 -4.01 1.77
CA LEU A 140 -6.59 -3.40 2.40
C LEU A 140 -6.33 -2.91 3.80
N THR A 141 -5.53 -3.68 4.52
CA THR A 141 -5.17 -3.34 5.88
C THR A 141 -4.39 -2.03 5.82
N TYR A 142 -3.45 -1.91 4.90
CA TYR A 142 -2.67 -0.65 4.75
C TYR A 142 -3.56 0.53 4.38
N TYR A 143 -4.48 0.34 3.44
CA TYR A 143 -5.53 1.29 3.08
C TYR A 143 -6.27 1.80 4.30
N ALA A 144 -6.69 0.87 5.20
CA ALA A 144 -7.44 1.29 6.36
C ALA A 144 -6.57 2.08 7.35
N ALA A 145 -5.32 1.63 7.55
CA ALA A 145 -4.41 2.24 8.48
C ALA A 145 -4.02 3.65 8.01
N THR A 146 -3.75 3.82 6.71
CA THR A 146 -3.38 5.16 6.18
C THR A 146 -4.62 6.11 6.01
N SER A 147 -5.81 5.55 5.87
CA SER A 147 -7.07 6.31 5.94
C SER A 147 -7.38 6.81 7.35
N THR A 148 -6.65 6.31 8.34
CA THR A 148 -6.88 6.66 9.75
C THR A 148 -5.64 7.07 10.48
N ASP A 149 -4.70 7.70 9.74
CA ASP A 149 -3.54 8.30 10.42
C ASP A 149 -2.98 9.56 9.75
N GLY A 150 -3.77 10.16 8.86
CA GLY A 150 -3.33 11.30 8.13
C GLY A 150 -2.43 10.95 6.97
N LYS A 151 -2.65 9.80 6.32
CA LYS A 151 -1.80 9.39 5.22
C LYS A 151 -0.33 9.39 5.61
N ASP A 152 -0.03 8.95 6.84
CA ASP A 152 1.34 8.85 7.31
C ASP A 152 1.86 7.40 7.08
N ALA A 153 2.79 7.25 6.16
CA ALA A 153 3.28 5.93 5.79
C ALA A 153 4.39 5.46 6.75
N THR A 154 4.91 6.36 7.61
CA THR A 154 6.08 6.04 8.40
C THR A 154 5.74 5.23 9.69
N THR A 155 4.48 5.14 10.02
CA THR A 155 4.08 4.40 11.20
C THR A 155 3.30 3.14 10.80
N VAL A 156 3.23 2.84 9.50
CA VAL A 156 2.43 1.68 9.02
C VAL A 156 3.30 0.82 8.15
N ALA A 157 3.47 -0.44 8.55
CA ALA A 157 4.10 -1.46 7.76
C ALA A 157 3.12 -2.07 6.77
N LEU A 158 3.40 -2.00 5.47
CA LEU A 158 2.47 -2.52 4.47
C LEU A 158 2.56 -4.03 4.37
N SER A 159 3.77 -4.57 4.28
CA SER A 159 3.93 -6.00 4.10
C SER A 159 4.12 -6.77 5.43
N PRO A 160 3.33 -7.83 5.64
CA PRO A 160 3.56 -8.73 6.74
C PRO A 160 4.77 -9.67 6.63
N SER A 161 5.53 -9.56 5.55
CA SER A 161 6.75 -10.26 5.38
C SER A 161 7.71 -10.14 6.58
N THR A 162 8.37 -11.22 6.89
CA THR A 162 9.41 -11.22 7.90
C THR A 162 10.62 -10.40 7.50
N LEU A 163 10.78 -10.12 6.22
CA LEU A 163 11.88 -9.25 5.77
C LEU A 163 11.59 -7.78 6.22
N VAL A 164 10.31 -7.45 6.39
CA VAL A 164 9.91 -6.14 6.91
C VAL A 164 9.86 -6.17 8.42
N GLY A 165 9.22 -7.20 8.97
CA GLY A 165 9.24 -7.43 10.43
C GLY A 165 8.65 -6.28 11.22
N GLY A 166 7.66 -5.61 10.64
CA GLY A 166 6.97 -4.53 11.29
C GLY A 166 7.67 -3.19 11.22
N ASN A 167 8.75 -3.08 10.46
CA ASN A 167 9.52 -1.83 10.34
C ASN A 167 9.04 -1.03 9.10
N PRO A 168 8.19 0.02 9.29
CA PRO A 168 7.67 0.74 8.11
C PRO A 168 8.74 1.44 7.27
N GLU A 169 9.99 1.58 7.79
CA GLU A 169 11.11 2.17 7.03
C GLU A 169 11.98 1.16 6.27
N SER A 170 11.67 -0.11 6.39
CA SER A 170 12.50 -1.13 5.71
C SER A 170 12.47 -0.89 4.22
N VAL A 171 13.59 -1.14 3.60
CA VAL A 171 13.69 -1.18 2.14
C VAL A 171 12.68 -2.18 1.53
N TYR A 172 12.40 -3.26 2.25
CA TYR A 172 11.43 -4.27 1.80
C TYR A 172 9.98 -3.78 1.79
N ASP A 173 9.67 -2.81 2.63
CA ASP A 173 8.36 -2.19 2.56
C ASP A 173 8.20 -1.20 1.38
N ASP A 174 9.25 -0.46 1.04
N ASP A 174 9.29 -0.49 1.06
CA ASP A 174 9.28 0.31 -0.19
CA ASP A 174 9.44 0.32 -0.16
C ASP A 174 9.12 -0.60 -1.40
C ASP A 174 9.26 -0.53 -1.41
N PHE A 175 9.83 -1.72 -1.39
CA PHE A 175 9.70 -2.68 -2.48
C PHE A 175 8.30 -3.23 -2.56
N SER A 176 7.74 -3.66 -1.43
CA SER A 176 6.36 -4.13 -1.42
C SER A 176 5.39 -3.08 -1.91
N ALA A 177 5.58 -1.84 -1.50
CA ALA A 177 4.79 -0.77 -2.05
C ALA A 177 4.90 -0.64 -3.59
N PHE A 178 6.10 -0.79 -4.11
CA PHE A 178 6.33 -0.77 -5.55
C PHE A 178 5.57 -1.91 -6.24
N LEU A 179 5.56 -3.06 -5.62
CA LEU A 179 4.86 -4.21 -6.14
C LEU A 179 3.34 -4.08 -6.04
N SER A 180 2.89 -3.42 -4.98
CA SER A 180 1.51 -3.36 -4.61
C SER A 180 0.71 -2.21 -5.25
N ASP A 181 1.40 -1.16 -5.67
CA ASP A 181 0.76 0.02 -6.27
C ASP A 181 0.41 -0.31 -7.76
N VAL A 182 -0.51 -1.25 -7.92
CA VAL A 182 -0.88 -1.75 -9.27
C VAL A 182 -1.83 -0.84 -9.99
N LYS A 183 -2.52 0.01 -9.24
CA LYS A 183 -3.39 0.97 -9.91
C LYS A 183 -2.74 2.32 -9.84
N VAL A 184 -2.41 2.90 -10.97
CA VAL A 184 -1.73 4.15 -10.97
C VAL A 184 -2.70 5.30 -10.70
N ASP A 185 -2.19 6.33 -10.04
CA ASP A 185 -2.98 7.44 -9.51
C ASP A 185 -2.53 8.75 -10.08
N ALA A 186 -3.52 9.63 -10.28
CA ALA A 186 -3.30 11.00 -10.72
C ALA A 186 -2.28 11.73 -9.82
N GLY A 187 -1.44 12.56 -10.40
CA GLY A 187 -0.48 13.29 -9.58
C GLY A 187 0.92 13.20 -10.13
N LYS A 188 1.90 13.11 -9.24
CA LYS A 188 3.27 13.02 -9.70
C LYS A 188 3.40 11.67 -10.44
N GLU A 189 4.05 11.71 -11.60
CA GLU A 189 4.32 10.50 -12.34
C GLU A 189 5.48 9.77 -11.65
N LEU A 190 5.22 8.61 -11.06
CA LEU A 190 6.24 7.95 -10.22
C LEU A 190 7.17 7.04 -11.00
N THR A 191 8.44 7.00 -10.61
CA THR A 191 9.36 6.00 -11.19
C THR A 191 9.56 4.82 -10.27
N ARG A 192 10.32 3.83 -10.75
CA ARG A 192 10.64 2.65 -9.90
C ARG A 192 11.42 3.10 -8.69
N PHE A 193 11.99 4.31 -8.73
CA PHE A 193 12.73 4.79 -7.58
C PHE A 193 11.85 5.48 -6.50
N ALA A 194 10.52 5.56 -6.69
CA ALA A 194 9.66 6.15 -5.61
C ALA A 194 9.73 5.46 -4.25
N LYS A 195 9.68 6.28 -3.19
CA LYS A 195 9.51 5.80 -1.80
C LYS A 195 8.07 5.43 -1.49
N LYS A 196 7.90 4.58 -0.50
CA LYS A 196 6.59 4.11 -0.13
C LYS A 196 5.66 5.32 0.09
N ALA A 197 6.23 6.33 0.76
CA ALA A 197 5.49 7.52 1.16
C ALA A 197 4.93 8.30 -0.02
N GLU A 198 5.53 8.18 -1.21
CA GLU A 198 5.07 8.93 -2.37
C GLU A 198 3.91 8.24 -3.11
N ARG A 199 3.75 6.94 -2.87
CA ARG A 199 2.71 6.19 -3.53
C ARG A 199 1.39 6.25 -2.80
N LEU A 200 0.31 6.31 -3.58
CA LEU A 200 -1.06 6.13 -3.06
C LEU A 200 -1.48 4.70 -3.19
N ILE A 201 -1.50 4.02 -2.08
CA ILE A 201 -1.89 2.64 -2.02
C ILE A 201 -3.19 2.56 -1.28
N ASP A 202 -4.22 2.15 -1.99
CA ASP A 202 -5.56 2.25 -1.44
C ASP A 202 -6.49 1.16 -1.87
N GLY A 203 -7.79 1.37 -1.65
CA GLY A 203 -8.75 0.28 -1.84
C GLY A 203 -8.84 -0.14 -3.33
N ARG A 204 -8.49 0.77 -4.25
CA ARG A 204 -8.39 0.38 -5.69
C ARG A 204 -7.22 -0.58 -5.95
N ASP A 205 -6.09 -0.37 -5.27
CA ASP A 205 -4.99 -1.32 -5.43
C ASP A 205 -5.45 -2.69 -4.86
N ALA A 206 -6.05 -2.72 -3.67
CA ALA A 206 -6.49 -3.95 -2.99
C ALA A 206 -7.43 -4.76 -3.92
N SER A 207 -8.46 -4.08 -4.34
CA SER A 207 -9.47 -4.66 -5.21
C SER A 207 -8.81 -5.14 -6.52
N SER A 208 -7.93 -4.33 -7.13
CA SER A 208 -7.22 -4.79 -8.35
C SER A 208 -6.42 -6.11 -8.13
N ILE A 209 -5.75 -6.24 -6.99
CA ILE A 209 -4.99 -7.42 -6.72
C ILE A 209 -5.90 -8.61 -6.55
N LEU A 210 -7.02 -8.41 -5.84
CA LEU A 210 -8.00 -9.47 -5.68
C LEU A 210 -8.58 -9.92 -7.03
N THR A 211 -8.91 -8.98 -7.92
CA THR A 211 -9.41 -9.30 -9.23
C THR A 211 -8.38 -10.02 -10.07
N PHE A 212 -7.12 -9.56 -10.04
CA PHE A 212 -6.10 -10.25 -10.79
C PHE A 212 -5.98 -11.72 -10.34
N TYR A 213 -5.96 -11.94 -9.03
CA TYR A 213 -5.87 -13.29 -8.50
C TYR A 213 -7.03 -14.15 -8.93
N THR A 214 -8.27 -13.64 -8.74
CA THR A 214 -9.48 -14.38 -9.13
C THR A 214 -9.46 -14.73 -10.60
N LYS A 215 -9.15 -13.76 -11.45
CA LYS A 215 -9.09 -14.07 -12.89
C LYS A 215 -7.99 -15.09 -13.18
N SER A 216 -6.83 -14.94 -12.52
CA SER A 216 -5.70 -15.87 -12.77
C SER A 216 -6.04 -17.36 -12.44
N SER A 217 -7.02 -17.56 -11.59
N SER A 217 -7.03 -17.55 -11.58
CA SER A 217 -7.41 -18.87 -11.13
CA SER A 217 -7.46 -18.84 -11.11
C SER A 217 -8.47 -19.55 -11.97
C SER A 217 -8.40 -19.57 -12.04
N VAL A 218 -9.02 -18.87 -12.99
CA VAL A 218 -9.99 -19.48 -13.88
C VAL A 218 -9.36 -19.86 -15.22
N ASP A 219 -9.89 -20.91 -15.82
CA ASP A 219 -9.34 -21.52 -17.00
C ASP A 219 -9.01 -20.56 -18.14
N GLN A 220 -9.93 -19.63 -18.46
CA GLN A 220 -9.73 -18.78 -19.66
C GLN A 220 -8.49 -17.90 -19.56
N TYR A 221 -8.11 -17.61 -18.33
CA TYR A 221 -6.99 -16.72 -18.11
C TYR A 221 -5.68 -17.38 -17.73
N LYS A 222 -5.61 -18.70 -17.63
CA LYS A 222 -4.39 -19.34 -17.08
C LYS A 222 -3.16 -19.09 -17.97
N ASP A 223 -3.33 -19.26 -19.26
CA ASP A 223 -2.25 -19.05 -20.25
C ASP A 223 -1.64 -17.64 -20.11
N MET A 224 -2.53 -16.65 -20.11
CA MET A 224 -2.14 -15.26 -19.93
C MET A 224 -1.48 -14.99 -18.59
N ALA A 225 -2.07 -15.52 -17.52
CA ALA A 225 -1.45 -15.30 -16.20
C ALA A 225 -0.02 -15.85 -16.16
N ALA A 226 0.24 -16.98 -16.79
CA ALA A 226 1.57 -17.62 -16.72
C ALA A 226 2.57 -16.92 -17.63
N ASN A 227 2.11 -16.56 -18.81
CA ASN A 227 2.98 -16.19 -19.90
C ASN A 227 3.05 -14.69 -20.14
N GLU A 228 1.97 -13.96 -19.86
CA GLU A 228 1.88 -12.53 -20.15
C GLU A 228 1.04 -11.82 -19.09
N PRO A 229 1.49 -11.85 -17.85
CA PRO A 229 0.72 -11.31 -16.71
C PRO A 229 0.45 -9.78 -16.80
N ASN A 230 1.33 -9.04 -17.44
CA ASN A 230 1.08 -7.60 -17.64
C ASN A 230 -0.20 -7.33 -18.43
N LYS A 231 -0.49 -8.21 -19.39
CA LYS A 231 -1.70 -8.11 -20.16
C LYS A 231 -2.94 -8.29 -19.30
N LEU A 232 -2.85 -9.24 -18.36
CA LEU A 232 -3.91 -9.44 -17.38
C LEU A 232 -4.01 -8.26 -16.37
N TRP A 233 -2.89 -7.78 -15.83
CA TRP A 233 -2.94 -6.52 -15.04
C TRP A 233 -3.62 -5.36 -15.79
N ASP A 234 -3.24 -5.17 -17.02
CA ASP A 234 -3.92 -4.13 -17.88
C ASP A 234 -5.40 -4.34 -18.07
N ILE A 235 -5.81 -5.58 -18.19
CA ILE A 235 -7.24 -5.87 -18.23
C ILE A 235 -7.91 -5.42 -16.93
N VAL A 236 -7.28 -5.74 -15.83
CA VAL A 236 -7.81 -5.42 -14.53
C VAL A 236 -7.84 -3.91 -14.22
N THR A 237 -6.75 -3.23 -14.53
CA THR A 237 -6.64 -1.84 -14.09
C THR A 237 -7.14 -0.89 -15.21
N ALA A 238 -7.34 -1.43 -16.41
CA ALA A 238 -7.80 -0.67 -17.59
C ALA A 238 -6.93 0.54 -17.97
N ASN B 8 -31.12 16.66 5.88
N ASN B 8 -31.14 16.60 6.04
CA ASN B 8 -30.68 15.26 5.65
CA ASN B 8 -30.66 15.18 5.91
C ASN B 8 -29.17 15.03 5.83
C ASN B 8 -29.13 15.02 5.93
N ASN B 9 -28.37 16.08 5.65
CA ASN B 9 -26.91 15.92 5.58
C ASN B 9 -26.15 15.67 6.88
N ALA B 10 -25.40 14.58 6.84
CA ALA B 10 -24.62 14.12 7.96
C ALA B 10 -23.14 14.02 7.61
N VAL B 11 -22.73 14.45 6.42
CA VAL B 11 -21.33 14.50 6.09
C VAL B 11 -20.78 15.85 6.55
N ILE B 12 -19.87 15.87 7.52
CA ILE B 12 -19.48 17.15 8.10
C ILE B 12 -18.84 18.06 7.04
N ASN B 13 -18.05 17.46 6.16
CA ASN B 13 -17.42 18.21 5.08
C ASN B 13 -18.14 18.06 3.73
N VAL B 14 -19.46 18.19 3.77
CA VAL B 14 -20.24 17.95 2.56
C VAL B 14 -19.75 18.77 1.37
N ASP B 15 -19.34 20.03 1.53
CA ASP B 15 -18.98 20.82 0.32
C ASP B 15 -17.68 20.29 -0.32
N GLU B 16 -16.77 19.79 0.50
CA GLU B 16 -15.60 19.11 -0.03
C GLU B 16 -15.96 17.84 -0.81
N MET B 17 -16.87 17.03 -0.27
CA MET B 17 -17.42 15.86 -1.03
C MET B 17 -18.07 16.28 -2.35
N ASN B 18 -18.93 17.28 -2.28
CA ASN B 18 -19.58 17.78 -3.47
C ASN B 18 -18.59 18.10 -4.55
N GLU B 19 -17.52 18.77 -4.17
CA GLU B 19 -16.45 19.09 -5.13
C GLU B 19 -15.83 17.80 -5.70
N ALA B 20 -15.58 16.81 -4.82
CA ALA B 20 -15.00 15.53 -5.25
C ALA B 20 -15.88 14.92 -6.38
N PHE B 21 -17.20 15.00 -6.25
CA PHE B 21 -18.13 14.41 -7.22
C PHE B 21 -18.67 15.39 -8.27
N LYS B 22 -18.06 16.58 -8.39
CA LYS B 22 -18.54 17.63 -9.30
C LYS B 22 -18.80 17.15 -10.75
N ASP B 23 -17.89 16.39 -11.33
CA ASP B 23 -18.05 15.91 -12.72
C ASP B 23 -18.77 14.58 -12.86
N VAL B 24 -19.14 13.95 -11.76
CA VAL B 24 -19.91 12.69 -11.82
C VAL B 24 -21.42 13.00 -12.06
N PRO B 25 -21.99 12.46 -13.13
CA PRO B 25 -23.44 12.57 -13.33
C PRO B 25 -24.21 12.14 -12.14
N ASP B 26 -25.31 12.82 -11.92
CA ASP B 26 -26.07 12.76 -10.66
C ASP B 26 -27.43 12.25 -11.06
N LEU B 27 -27.52 10.92 -11.08
CA LEU B 27 -28.64 10.18 -11.70
C LEU B 27 -29.84 9.85 -10.86
N GLU B 28 -29.72 10.00 -9.56
CA GLU B 28 -30.74 9.64 -8.60
C GLU B 28 -31.29 8.19 -8.77
N GLY B 29 -32.59 8.05 -8.67
CA GLY B 29 -33.21 6.76 -8.78
C GLY B 29 -32.81 5.74 -7.72
N GLU B 30 -32.50 4.54 -8.19
CA GLU B 30 -32.22 3.41 -7.31
C GLU B 30 -30.76 3.36 -6.95
N GLY B 31 -30.42 3.77 -5.73
CA GLY B 31 -29.09 3.52 -5.21
C GLY B 31 -29.10 3.13 -3.74
N ALA B 32 -27.89 3.02 -3.21
CA ALA B 32 -27.64 2.53 -1.86
C ALA B 32 -28.04 3.59 -0.84
N HIS B 33 -28.76 3.16 0.20
CA HIS B 33 -29.09 4.03 1.34
C HIS B 33 -28.36 3.58 2.59
N ILE B 34 -27.25 4.23 2.88
CA ILE B 34 -26.45 4.03 4.04
C ILE B 34 -26.97 4.87 5.22
N THR B 35 -27.09 4.26 6.42
CA THR B 35 -27.64 4.89 7.59
C THR B 35 -26.92 4.52 8.85
N LEU B 36 -26.96 5.41 9.86
CA LEU B 36 -26.51 5.07 11.19
C LEU B 36 -27.76 4.93 12.09
N SER B 37 -27.61 4.25 13.24
CA SER B 37 -28.73 3.94 14.09
C SER B 37 -29.11 5.11 15.00
N ASN B 38 -30.26 4.97 15.66
CA ASN B 38 -30.70 5.85 16.71
C ASN B 38 -31.00 5.03 17.94
N THR B 39 -30.11 5.05 18.91
CA THR B 39 -30.22 4.19 20.03
C THR B 39 -30.16 5.02 21.30
N THR B 40 -30.30 4.33 22.41
CA THR B 40 -30.21 4.98 23.72
C THR B 40 -29.29 4.20 24.64
N ALA B 41 -28.81 4.85 25.69
CA ALA B 41 -27.95 4.22 26.69
C ALA B 41 -27.95 5.03 27.97
N LYS B 42 -27.70 4.36 29.10
CA LYS B 42 -27.62 5.05 30.38
C LYS B 42 -26.21 5.63 30.50
N PRO B 43 -26.05 6.68 31.32
CA PRO B 43 -24.70 7.16 31.51
C PRO B 43 -23.82 6.03 32.02
N GLY B 44 -22.60 5.94 31.52
CA GLY B 44 -21.67 4.94 31.96
C GLY B 44 -21.72 3.65 31.17
N GLU B 45 -22.83 3.41 30.44
CA GLU B 45 -23.01 2.20 29.66
C GLU B 45 -22.28 2.24 28.31
N MET B 46 -22.19 1.06 27.69
CA MET B 46 -21.66 0.94 26.31
C MET B 46 -22.81 1.03 25.33
N ALA B 47 -22.91 2.13 24.57
CA ALA B 47 -23.98 2.26 23.60
C ALA B 47 -23.72 1.51 22.30
N GLU B 48 -24.72 0.80 21.80
CA GLU B 48 -24.56 0.09 20.51
C GLU B 48 -24.90 1.01 19.38
N VAL B 49 -24.00 1.10 18.39
CA VAL B 49 -24.22 1.90 17.16
C VAL B 49 -24.04 1.01 15.89
N THR B 50 -25.01 1.06 14.98
CA THR B 50 -25.01 0.17 13.81
C THR B 50 -25.07 0.99 12.53
N MET B 51 -24.16 0.71 11.62
CA MET B 51 -24.25 1.23 10.28
C MET B 51 -24.89 0.12 9.43
N SER B 52 -25.81 0.51 8.54
CA SER B 52 -26.63 -0.38 7.74
C SER B 52 -26.68 0.18 6.36
N VAL B 53 -26.92 -0.67 5.38
CA VAL B 53 -27.18 -0.22 4.03
C VAL B 53 -28.37 -0.94 3.43
N SER B 54 -29.34 -0.19 2.93
CA SER B 54 -30.43 -0.83 2.17
C SER B 54 -30.38 -0.50 0.70
N ASN B 55 -31.10 -1.29 -0.06
CA ASN B 55 -31.30 -1.13 -1.49
C ASN B 55 -30.01 -1.37 -2.28
N ALA B 56 -29.18 -2.30 -1.83
CA ALA B 56 -27.88 -2.52 -2.47
C ALA B 56 -27.50 -3.99 -2.52
N ASP B 57 -28.44 -4.89 -2.26
CA ASP B 57 -28.10 -6.30 -2.10
C ASP B 57 -27.49 -6.78 -3.41
N MET B 58 -26.30 -7.37 -3.30
N MET B 58 -26.31 -7.38 -3.32
CA MET B 58 -25.55 -7.91 -4.43
CA MET B 58 -25.61 -7.95 -4.48
C MET B 58 -25.30 -6.88 -5.51
C MET B 58 -25.25 -6.88 -5.52
N GLN B 59 -25.07 -5.63 -5.11
CA GLN B 59 -24.80 -4.58 -6.08
C GLN B 59 -23.52 -3.81 -5.76
N TRP B 60 -22.76 -4.21 -4.73
CA TRP B 60 -21.52 -3.50 -4.43
C TRP B 60 -20.40 -4.50 -4.10
N ASN B 61 -19.16 -4.12 -4.36
CA ASN B 61 -17.98 -4.95 -4.01
C ASN B 61 -16.93 -4.36 -3.08
N MET B 62 -17.02 -3.06 -2.76
CA MET B 62 -16.12 -2.45 -1.78
C MET B 62 -16.69 -1.22 -1.18
N CYS B 63 -16.40 -1.03 0.09
CA CYS B 63 -16.67 0.22 0.79
C CYS B 63 -15.45 0.61 1.63
N GLY B 64 -15.39 1.85 1.95
CA GLY B 64 -14.43 2.44 2.86
C GLY B 64 -15.06 3.72 3.37
N ILE B 65 -15.51 3.69 4.60
CA ILE B 65 -16.34 4.76 5.14
C ILE B 65 -15.83 5.25 6.47
N HIS B 66 -15.77 6.58 6.63
CA HIS B 66 -15.42 7.21 7.92
C HIS B 66 -16.69 7.65 8.63
N ILE B 67 -16.85 7.15 9.81
CA ILE B 67 -17.97 7.50 10.66
C ILE B 67 -17.40 8.46 11.70
N ILE B 68 -18.17 9.48 12.03
CA ILE B 68 -17.82 10.42 13.07
C ILE B 68 -18.84 10.59 14.21
N TYR B 69 -18.33 11.01 15.37
CA TYR B 69 -19.05 11.05 16.60
C TYR B 69 -18.37 12.02 17.55
N PRO B 70 -19.10 12.56 18.51
CA PRO B 70 -18.36 13.42 19.48
C PRO B 70 -17.19 12.64 20.10
N ASP B 71 -16.04 13.30 20.28
CA ASP B 71 -14.85 12.60 20.72
C ASP B 71 -14.85 12.25 22.21
N ILE B 72 -15.88 12.64 22.97
CA ILE B 72 -16.00 12.18 24.36
C ILE B 72 -16.37 10.71 24.38
N LEU B 73 -17.01 10.26 23.29
CA LEU B 73 -17.35 8.84 23.10
C LEU B 73 -16.17 8.09 22.57
N LYS B 74 -15.86 6.98 23.22
CA LYS B 74 -14.71 6.18 22.85
C LYS B 74 -15.20 4.80 22.34
N PRO B 75 -14.89 4.47 21.07
CA PRO B 75 -15.24 3.14 20.57
C PRO B 75 -14.44 2.00 21.28
N GLU B 76 -15.12 0.95 21.67
CA GLU B 76 -14.46 -0.25 22.16
C GLU B 76 -13.41 -0.78 21.16
N MET B 77 -12.20 -1.00 21.66
N MET B 77 -12.18 -0.97 21.63
CA MET B 77 -11.04 -1.41 20.88
CA MET B 77 -11.11 -1.41 20.75
C MET B 77 -10.92 -2.92 20.86
C MET B 77 -10.86 -2.90 20.86
N LYS B 78 -10.41 -3.46 19.75
CA LYS B 78 -9.98 -4.85 19.70
C LYS B 78 -8.46 -4.92 20.11
N ASP B 79 -7.56 -4.36 19.32
CA ASP B 79 -6.12 -4.26 19.68
C ASP B 79 -5.70 -2.80 19.63
N PRO B 80 -5.52 -2.15 20.82
CA PRO B 80 -5.18 -0.72 20.87
C PRO B 80 -3.95 -0.37 20.03
N GLU B 81 -2.95 -1.25 20.01
CA GLU B 81 -1.74 -0.97 19.30
C GLU B 81 -1.91 -1.02 17.79
N GLU B 82 -2.76 -1.90 17.28
CA GLU B 82 -3.07 -1.82 15.84
C GLU B 82 -4.18 -0.86 15.52
N ARG B 83 -4.76 -0.27 16.55
CA ARG B 83 -5.84 0.69 16.41
C ARG B 83 -7.09 0.06 15.85
N THR B 84 -7.27 -1.24 16.05
CA THR B 84 -8.42 -1.90 15.50
C THR B 84 -9.57 -1.77 16.47
N VAL B 85 -10.77 -1.58 15.92
CA VAL B 85 -11.97 -1.31 16.62
C VAL B 85 -12.81 -2.60 16.67
N ALA B 86 -13.29 -2.97 17.85
CA ALA B 86 -14.17 -4.16 18.01
C ALA B 86 -15.55 -3.93 17.33
N PHE B 87 -16.04 -4.90 16.55
CA PHE B 87 -17.38 -4.75 15.94
C PHE B 87 -18.03 -6.09 15.72
N GLN B 88 -19.36 -6.13 15.81
N GLN B 88 -19.35 -6.09 15.75
CA GLN B 88 -20.11 -7.31 15.42
CA GLN B 88 -20.14 -7.25 15.41
C GLN B 88 -20.53 -7.11 13.95
C GLN B 88 -20.56 -7.10 13.95
N LYS B 89 -20.16 -8.07 13.11
CA LYS B 89 -20.39 -8.01 11.71
C LYS B 89 -21.82 -8.31 11.43
N GLY B 90 -22.46 -7.55 10.53
CA GLY B 90 -23.85 -7.85 10.15
C GLY B 90 -24.00 -8.58 8.79
N ASP B 91 -25.24 -8.86 8.46
CA ASP B 91 -25.57 -9.65 7.29
C ASP B 91 -25.07 -9.05 6.01
N ALA B 92 -25.05 -7.69 5.93
CA ALA B 92 -24.58 -7.01 4.74
C ALA B 92 -23.10 -7.30 4.42
N LEU B 93 -22.30 -7.72 5.40
CA LEU B 93 -20.87 -7.97 5.19
C LEU B 93 -20.56 -9.44 5.18
N GLU B 94 -21.60 -10.26 5.10
CA GLU B 94 -21.35 -11.69 5.04
C GLU B 94 -20.76 -11.98 3.67
N ALA B 95 -19.91 -13.00 3.65
CA ALA B 95 -19.14 -13.42 2.49
C ALA B 95 -18.15 -12.40 1.95
N ALA B 96 -17.65 -11.48 2.82
CA ALA B 96 -16.60 -10.66 2.49
C ALA B 96 -15.28 -11.44 2.43
N THR B 97 -14.35 -10.95 1.61
CA THR B 97 -13.02 -11.50 1.51
C THR B 97 -12.12 -10.87 2.59
N GLY B 98 -12.36 -9.60 2.88
CA GLY B 98 -11.64 -8.93 3.92
C GLY B 98 -12.36 -7.73 4.41
N ILE B 99 -12.24 -7.52 5.71
CA ILE B 99 -12.81 -6.38 6.41
C ILE B 99 -11.85 -5.86 7.48
N VAL B 100 -11.80 -4.54 7.63
CA VAL B 100 -10.87 -3.88 8.51
C VAL B 100 -11.63 -2.68 9.07
N CYS B 101 -11.46 -2.48 10.36
CA CYS B 101 -12.06 -1.35 11.08
C CYS B 101 -11.05 -0.79 12.06
N MET B 102 -10.74 0.49 11.87
CA MET B 102 -9.72 1.16 12.62
C MET B 102 -10.09 2.54 13.10
N GLU B 103 -9.55 2.90 14.26
CA GLU B 103 -9.77 4.22 14.85
C GLU B 103 -8.75 5.24 14.39
N TRP B 104 -9.23 6.44 13.99
CA TRP B 104 -8.32 7.55 13.59
C TRP B 104 -7.84 8.23 14.88
N GLN B 105 -6.57 8.03 15.22
CA GLN B 105 -6.02 8.57 16.45
C GLN B 105 -5.09 9.74 16.19
N GLU B 106 -4.26 9.69 15.13
CA GLU B 106 -3.33 10.76 14.93
C GLU B 106 -3.57 11.41 13.56
N GLY B 107 -3.17 12.67 13.44
CA GLY B 107 -3.30 13.36 12.16
C GLY B 107 -4.71 13.54 11.66
N LEU B 108 -5.62 13.89 12.56
CA LEU B 108 -7.02 14.15 12.16
C LEU B 108 -7.12 15.53 11.46
N PRO B 109 -8.04 15.67 10.51
CA PRO B 109 -8.22 16.97 9.82
C PRO B 109 -8.77 18.06 10.75
N PRO B 110 -8.49 19.34 10.46
CA PRO B 110 -8.97 20.39 11.28
C PRO B 110 -10.47 20.49 11.44
N VAL B 111 -11.23 20.13 10.39
CA VAL B 111 -12.67 20.10 10.53
C VAL B 111 -13.10 19.11 11.62
N LEU B 112 -12.35 18.02 11.84
CA LEU B 112 -12.75 17.11 12.90
C LEU B 112 -12.27 17.59 14.28
N THR B 113 -11.05 18.08 14.36
CA THR B 113 -10.61 18.58 15.65
C THR B 113 -11.37 19.80 16.09
N GLU B 114 -11.63 20.73 15.18
CA GLU B 114 -12.30 21.96 15.54
C GLU B 114 -13.68 21.62 16.10
N ASN B 115 -14.36 20.61 15.55
CA ASN B 115 -15.72 20.26 16.01
C ASN B 115 -15.72 19.08 17.00
N LYS B 116 -14.55 18.76 17.58
CA LYS B 116 -14.39 17.84 18.72
C LYS B 116 -14.94 16.48 18.37
N LYS B 117 -14.55 16.03 17.17
CA LYS B 117 -15.04 14.76 16.60
C LYS B 117 -13.99 13.71 16.64
N GLY B 118 -14.41 12.48 16.98
CA GLY B 118 -13.58 11.32 16.76
C GLY B 118 -14.06 10.64 15.50
N CYS B 119 -13.32 9.65 15.05
CA CYS B 119 -13.60 9.05 13.77
C CYS B 119 -13.03 7.64 13.72
N LEU B 120 -13.78 6.74 13.10
CA LEU B 120 -13.30 5.45 12.77
C LEU B 120 -13.64 5.11 11.34
N PHE B 121 -12.97 4.13 10.78
CA PHE B 121 -13.12 3.84 9.32
C PHE B 121 -13.40 2.36 9.15
N LEU B 122 -14.43 2.00 8.39
CA LEU B 122 -14.68 0.60 8.06
C LEU B 122 -14.54 0.37 6.54
N THR B 123 -13.73 -0.62 6.17
CA THR B 123 -13.59 -1.05 4.80
C THR B 123 -13.91 -2.52 4.64
N ALA B 124 -14.69 -2.83 3.61
CA ALA B 124 -14.97 -4.21 3.31
C ALA B 124 -14.72 -4.43 1.87
N MET B 125 -14.17 -5.60 1.56
CA MET B 125 -13.82 -5.98 0.21
C MET B 125 -14.42 -7.35 -0.12
N PHE B 126 -15.10 -7.39 -1.28
CA PHE B 126 -15.72 -8.63 -1.75
C PHE B 126 -15.15 -9.04 -3.06
N SER B 127 -15.23 -10.33 -3.35
CA SER B 127 -14.83 -10.82 -4.69
C SER B 127 -16.11 -10.95 -5.51
N GLY B 128 -16.32 -9.94 -6.35
CA GLY B 128 -17.49 -9.76 -7.16
C GLY B 128 -18.47 -8.90 -6.38
N ASN B 129 -19.68 -8.66 -6.92
CA ASN B 129 -20.63 -7.80 -6.20
C ASN B 129 -21.41 -8.55 -5.13
N GLN B 130 -20.69 -9.03 -4.11
CA GLN B 130 -21.30 -9.83 -3.07
C GLN B 130 -21.78 -9.04 -1.86
N GLY B 131 -21.42 -7.77 -1.81
CA GLY B 131 -21.95 -6.87 -0.83
C GLY B 131 -23.44 -7.05 -0.65
N GLY B 132 -23.89 -7.03 0.60
CA GLY B 132 -25.24 -7.41 0.95
C GLY B 132 -26.05 -6.22 1.33
N GLU B 133 -27.08 -6.47 2.16
CA GLU B 133 -27.84 -5.37 2.73
C GLU B 133 -28.24 -5.65 4.16
N GLY B 134 -28.77 -4.65 4.84
CA GLY B 134 -29.12 -4.72 6.28
C GLY B 134 -27.97 -4.18 7.08
N ASP B 135 -27.75 -4.71 8.27
CA ASP B 135 -26.67 -4.21 9.12
C ASP B 135 -25.29 -4.54 8.54
N MET B 136 -24.38 -3.57 8.56
CA MET B 136 -23.02 -3.78 8.18
C MET B 136 -22.17 -4.14 9.39
N ALA B 137 -22.16 -3.24 10.40
CA ALA B 137 -21.34 -3.46 11.57
C ALA B 137 -21.98 -2.73 12.74
N THR B 138 -21.87 -3.33 13.93
CA THR B 138 -22.29 -2.71 15.14
C THR B 138 -21.09 -2.51 16.06
N PHE B 139 -20.92 -1.28 16.49
CA PHE B 139 -19.85 -0.87 17.39
C PHE B 139 -20.41 -0.56 18.75
N ARG B 140 -19.54 -0.50 19.77
CA ARG B 140 -19.97 -0.08 21.09
C ARG B 140 -19.18 1.14 21.50
N PHE B 141 -19.90 2.13 22.03
CA PHE B 141 -19.24 3.37 22.52
C PHE B 141 -19.47 3.55 23.98
N LYS B 142 -18.40 3.88 24.71
CA LYS B 142 -18.54 4.25 26.11
C LYS B 142 -19.22 5.63 26.28
N VAL B 143 -20.40 5.61 26.86
CA VAL B 143 -21.06 6.84 27.29
C VAL B 143 -20.50 7.28 28.63
N PRO B 144 -19.98 8.53 28.71
CA PRO B 144 -19.38 9.02 29.93
C PRO B 144 -20.25 8.78 31.14
N ASP B 145 -19.61 8.38 32.24
CA ASP B 145 -20.29 8.22 33.51
C ASP B 145 -21.12 9.42 33.94
N ASN B 146 -20.63 10.61 33.61
CA ASN B 146 -21.25 11.88 34.06
C ASN B 146 -22.20 12.49 33.02
N ALA B 147 -22.49 11.77 31.96
CA ALA B 147 -23.38 12.25 30.90
C ALA B 147 -24.79 12.55 31.49
N GLU B 148 -25.43 13.61 30.97
CA GLU B 148 -26.74 14.05 31.51
C GLU B 148 -27.90 13.40 30.74
N PRO B 149 -28.89 12.86 31.47
CA PRO B 149 -30.08 12.37 30.75
C PRO B 149 -30.65 13.42 29.78
N GLY B 150 -31.07 12.94 28.61
CA GLY B 150 -31.52 13.80 27.53
C GLY B 150 -30.42 14.26 26.57
N ALA B 151 -29.17 14.05 26.91
CA ALA B 151 -28.07 14.47 26.06
C ALA B 151 -28.19 13.67 24.74
N VAL B 152 -27.95 14.34 23.62
CA VAL B 152 -27.99 13.66 22.31
C VAL B 152 -26.63 13.77 21.57
N TYR B 153 -26.15 12.63 21.14
CA TYR B 153 -24.85 12.58 20.53
C TYR B 153 -25.10 12.30 19.08
N ASN B 154 -24.67 13.20 18.20
CA ASN B 154 -24.87 13.00 16.75
C ASN B 154 -23.83 12.17 16.12
N LEU B 155 -24.27 11.28 15.24
CA LEU B 155 -23.40 10.39 14.54
C LEU B 155 -23.49 10.72 13.08
N GLY B 156 -22.33 10.83 12.44
CA GLY B 156 -22.30 11.19 11.01
C GLY B 156 -21.13 10.64 10.27
N TYR B 157 -20.76 11.33 9.21
CA TYR B 157 -19.62 10.94 8.40
C TYR B 157 -18.60 11.99 8.07
N TYR B 158 -17.43 11.56 7.65
CA TYR B 158 -16.38 12.42 7.10
C TYR B 158 -15.99 11.86 5.78
N TYR B 159 -15.90 12.73 4.76
CA TYR B 159 -15.49 12.33 3.41
C TYR B 159 -14.04 12.56 3.12
N MET B 160 -13.33 11.47 2.87
CA MET B 160 -11.95 11.49 2.42
C MET B 160 -11.95 11.10 0.96
N ASN B 161 -11.03 11.69 0.21
N ASN B 161 -11.08 11.70 0.16
CA ASN B 161 -10.95 11.50 -1.23
CA ASN B 161 -11.12 11.44 -1.27
C ASN B 161 -10.79 10.02 -1.72
C ASN B 161 -10.96 9.95 -1.68
N THR B 162 -10.21 9.18 -0.87
CA THR B 162 -10.01 7.78 -1.20
C THR B 162 -11.12 6.82 -0.64
N ASP B 163 -12.20 7.38 -0.11
CA ASP B 163 -13.27 6.60 0.46
C ASP B 163 -14.08 5.99 -0.67
N LEU B 164 -14.75 4.89 -0.38
CA LEU B 164 -15.44 4.09 -1.41
C LEU B 164 -16.81 3.58 -1.01
N PHE B 165 -17.68 3.51 -2.03
CA PHE B 165 -18.85 2.63 -2.01
C PHE B 165 -19.17 2.34 -3.46
N ILE B 166 -18.65 1.20 -3.93
CA ILE B 166 -18.47 1.02 -5.36
C ILE B 166 -18.85 -0.41 -5.74
N ASN B 167 -19.19 -0.53 -7.01
CA ASN B 167 -19.46 -1.83 -7.60
C ASN B 167 -18.26 -2.34 -8.43
N GLU B 168 -18.26 -3.64 -8.77
CA GLU B 168 -17.18 -4.26 -9.56
C GLU B 168 -17.01 -3.53 -10.90
N GLN B 169 -18.11 -3.01 -11.42
CA GLN B 169 -18.11 -2.31 -12.67
C GLN B 169 -17.49 -0.92 -12.56
N ASN B 170 -17.28 -0.41 -11.34
CA ASN B 170 -16.58 0.85 -11.08
C ASN B 170 -17.35 2.00 -11.77
N ILE B 171 -18.63 2.07 -11.48
CA ILE B 171 -19.52 3.07 -12.15
C ILE B 171 -19.62 4.26 -11.23
N PRO B 172 -18.92 5.38 -11.53
CA PRO B 172 -18.82 6.45 -10.57
C PRO B 172 -20.15 7.00 -10.04
N THR B 173 -21.22 6.90 -10.79
CA THR B 173 -22.51 7.49 -10.39
C THR B 173 -23.10 6.71 -9.25
N TYR B 174 -22.82 5.40 -9.17
CA TYR B 174 -23.32 4.57 -8.10
C TYR B 174 -22.73 5.03 -6.75
N GLN B 175 -21.42 5.29 -6.74
CA GLN B 175 -20.79 5.85 -5.57
C GLN B 175 -21.24 7.24 -5.20
N LYS B 176 -21.43 8.10 -6.17
CA LYS B 176 -21.93 9.47 -5.90
C LYS B 176 -23.26 9.40 -5.17
N TYR B 177 -24.13 8.49 -5.60
CA TYR B 177 -25.45 8.37 -5.03
C TYR B 177 -25.34 7.93 -3.58
N ALA B 178 -24.55 6.91 -3.35
CA ALA B 178 -24.38 6.35 -2.03
C ALA B 178 -23.93 7.42 -1.02
N PHE B 179 -22.90 8.18 -1.40
CA PHE B 179 -22.33 9.17 -0.49
C PHE B 179 -23.23 10.40 -0.32
N THR B 180 -24.01 10.69 -1.33
CA THR B 180 -24.83 11.89 -1.26
C THR B 180 -26.19 11.58 -0.62
N HIS B 181 -26.50 10.32 -0.32
CA HIS B 181 -27.79 9.94 0.27
C HIS B 181 -27.68 9.30 1.68
N MET B 182 -26.54 9.46 2.30
CA MET B 182 -26.26 8.87 3.62
C MET B 182 -27.07 9.57 4.71
N GLU B 183 -27.44 8.84 5.75
CA GLU B 183 -28.20 9.40 6.84
C GLU B 183 -27.41 9.13 8.09
N GLY B 184 -27.37 10.16 8.95
CA GLY B 184 -26.64 10.08 10.20
C GLY B 184 -27.50 9.35 11.21
N GLY B 185 -27.12 9.45 12.49
CA GLY B 185 -27.83 8.80 13.56
C GLY B 185 -27.58 9.50 14.88
N THR B 186 -28.04 8.88 15.94
CA THR B 186 -27.96 9.48 17.29
C THR B 186 -27.77 8.41 18.39
N ILE B 187 -27.23 8.86 19.49
CA ILE B 187 -27.36 8.19 20.80
C ILE B 187 -27.91 9.22 21.76
N THR B 188 -28.97 8.83 22.45
CA THR B 188 -29.64 9.66 23.40
C THR B 188 -29.49 9.00 24.77
N VAL B 189 -29.04 9.79 25.74
CA VAL B 189 -28.80 9.34 27.08
C VAL B 189 -30.13 9.33 27.82
N GLU B 190 -30.45 8.18 28.43
CA GLU B 190 -31.66 8.04 29.24
C GLU B 190 -31.31 7.83 30.72
N LEU B 191 -32.32 7.86 31.59
CA LEU B 191 -32.11 7.70 33.03
C LEU B 191 -31.95 6.25 33.49
#